data_4D5N
#
_entry.id   4D5N
#
_cell.length_a   1.000
_cell.length_b   1.000
_cell.length_c   1.000
_cell.angle_alpha   90.00
_cell.angle_beta   90.00
_cell.angle_gamma   90.00
#
_symmetry.space_group_name_H-M   'P 1'
#
loop_
_entity.id
_entity.type
_entity.pdbx_description
1 polymer 'EUKARYOTIC PEPTIDE CHAIN RELEASE FACTOR SUBUNIT 1'
2 polymer 'CRICKET PARALYSIS VIRUS IRES RNA'
#
loop_
_entity_poly.entity_id
_entity_poly.type
_entity_poly.pdbx_seq_one_letter_code
_entity_poly.pdbx_strand_id
1 'polypeptide(L)'
;PSAADRNVEIWKIKKLIKSLEAARGNGTSMISLIIPPKDQISRVAKMLADEFGTASNIKSRVNRLSVLGAITSVQQRLKL
YNKVPPNGLVVYCGTIVTEEGKEKKVNIDFEPFKPINTSLYLCDNKFHTEALTALLSDDSKFGFIVIDGSGALFGTLQGN
TREVLHKFTVDLPKKHGRGGQSALRFARLRMEKRHNYVRKVAETAVQLFISGDKVNVAGLVLAGSADFKTELSQSDMFDQ
RLQSKVLKLVDISYGGENGFNQAIELSTEVLSNVKFIQEKKLIGRYFDEISQDTGKYCFGVEDTLKALEMGAVEILIVYE
NLDIMRYVLHCQGTEEEKILYLTPEQEKDKSHFTDKETGQEHELIESMPLLEWFANNYKKFGATLEIVTDKSQEGSQFVK
GFGGIGGILRYRVDFQGMEYQGGDDEFFDLDDYLEH
;
A
2 'polyribonucleotide'
;AAAAAUGUGAUCUUGCUUGUAAAUACAAUUUUGAGAGGUUAAUAAAUUACAAGUAGUGCUAUUUUUGUAUUUAGGUUAGC
UAUUUAGCUUUACGUUCCAGGAUGCCUAGUGGCAGCCCCACAAUAUCCAGGAAGCCCUCUCUGCGGUUAUUCAGAUUAGG
UAGUCGAAAAACCUAAGAAAUUUACCUUAAGGCUUCCUCGA
;
X
#
loop_
_chem_comp.id
_chem_comp.type
_chem_comp.name
_chem_comp.formula
A RNA linking ADENOSINE-5'-MONOPHOSPHATE 'C10 H14 N5 O7 P'
C RNA linking CYTIDINE-5'-MONOPHOSPHATE 'C9 H14 N3 O8 P'
G RNA linking GUANOSINE-5'-MONOPHOSPHATE 'C10 H14 N5 O8 P'
U RNA linking URIDINE-5'-MONOPHOSPHATE 'C9 H13 N2 O9 P'
#
# COMPACT_ATOMS: atom_id res chain seq x y z
N PRO A 1 -9.45 0.28 -13.36
CA PRO A 1 -9.01 -1.11 -13.07
C PRO A 1 -8.57 -1.85 -14.33
N SER A 2 -7.35 -1.58 -14.77
CA SER A 2 -6.80 -2.21 -15.97
C SER A 2 -5.53 -3.00 -15.64
N ALA A 3 -5.49 -4.26 -16.09
CA ALA A 3 -4.34 -5.14 -15.87
C ALA A 3 -3.07 -4.61 -16.54
N ALA A 4 -1.96 -4.74 -15.83
CA ALA A 4 -0.63 -4.31 -16.30
C ALA A 4 -0.48 -2.78 -16.39
N ASP A 5 -1.53 -2.08 -16.84
CA ASP A 5 -1.49 -0.61 -16.95
C ASP A 5 -1.22 0.00 -15.58
N ARG A 6 -1.89 -0.54 -14.55
CA ARG A 6 -1.70 -0.08 -13.17
C ARG A 6 -0.25 -0.27 -12.73
N ASN A 7 0.31 -1.42 -13.13
CA ASN A 7 1.71 -1.75 -12.80
C ASN A 7 2.69 -0.75 -13.39
N VAL A 8 2.43 -0.30 -14.60
CA VAL A 8 3.29 0.69 -15.26
C VAL A 8 3.32 1.99 -14.44
N GLU A 9 2.15 2.39 -13.96
CA GLU A 9 2.04 3.59 -13.11
C GLU A 9 2.87 3.42 -11.84
N ILE A 10 2.82 2.21 -11.28
CA ILE A 10 3.57 1.86 -10.07
C ILE A 10 5.08 1.99 -10.30
N TRP A 11 5.52 1.55 -11.48
CA TRP A 11 6.93 1.63 -11.86
C TRP A 11 7.42 3.07 -11.88
N LYS A 12 6.66 3.94 -12.54
CA LYS A 12 7.01 5.36 -12.61
C LYS A 12 7.06 5.99 -11.21
N ILE A 13 6.09 5.63 -10.37
CA ILE A 13 6.02 6.15 -9.00
C ILE A 13 7.26 5.78 -8.18
N LYS A 14 7.64 4.49 -8.20
CA LYS A 14 8.81 4.06 -7.43
C LYS A 14 10.09 4.73 -7.93
N LYS A 15 10.22 4.86 -9.25
CA LYS A 15 11.37 5.54 -9.86
C LYS A 15 11.44 7.01 -9.38
N LEU A 16 10.29 7.65 -9.39
CA LEU A 16 10.14 9.05 -8.97
C LEU A 16 10.56 9.26 -7.51
N ILE A 17 10.13 8.34 -6.65
CA ILE A 17 10.44 8.42 -5.22
C ILE A 17 11.95 8.40 -4.97
N LYS A 18 12.63 7.45 -5.63
CA LYS A 18 14.08 7.32 -5.48
C LYS A 18 14.82 8.61 -5.91
N SER A 19 14.38 9.19 -7.02
CA SER A 19 14.99 10.43 -7.52
C SER A 19 14.68 11.64 -6.63
N LEU A 20 13.43 11.72 -6.13
CA LEU A 20 13.02 12.85 -5.28
C LEU A 20 13.78 12.88 -3.95
N GLU A 21 14.00 11.71 -3.37
CA GLU A 21 14.74 11.59 -2.10
C GLU A 21 16.22 11.95 -2.25
N ALA A 22 16.81 11.51 -3.37
CA ALA A 22 18.21 11.76 -3.67
C ALA A 22 18.55 13.25 -3.76
N ALA A 23 17.66 14.02 -4.37
CA ALA A 23 17.88 15.46 -4.53
C ALA A 23 17.51 16.26 -3.27
N ARG A 24 18.43 17.12 -2.84
CA ARG A 24 18.20 17.94 -1.65
C ARG A 24 18.29 19.43 -2.03
N GLY A 25 17.29 20.21 -1.63
CA GLY A 25 17.29 21.64 -1.95
C GLY A 25 17.52 22.53 -0.74
N ASN A 26 18.40 23.51 -0.89
CA ASN A 26 18.69 24.44 0.21
C ASN A 26 17.51 25.38 0.51
N GLY A 27 17.41 25.78 1.77
CA GLY A 27 16.36 26.70 2.20
C GLY A 27 14.93 26.23 1.97
N THR A 28 14.13 27.10 1.39
CA THR A 28 12.71 26.86 1.09
C THR A 28 12.43 26.70 -0.41
N SER A 29 13.48 26.40 -1.16
CA SER A 29 13.42 26.28 -2.63
C SER A 29 12.63 25.07 -3.14
N MET A 30 12.43 24.06 -2.29
CA MET A 30 11.74 22.85 -2.74
C MET A 30 10.23 22.94 -2.45
N ILE A 31 9.40 22.87 -3.50
CA ILE A 31 7.94 22.94 -3.34
C ILE A 31 7.22 21.68 -3.86
N SER A 32 6.35 21.11 -3.04
CA SER A 32 5.57 19.94 -3.46
C SER A 32 4.07 20.24 -3.40
N LEU A 33 3.35 19.95 -4.48
CA LEU A 33 1.90 20.19 -4.51
C LEU A 33 1.11 18.96 -4.98
N ILE A 34 0.09 18.61 -4.21
CA ILE A 34 -0.80 17.51 -4.56
C ILE A 34 -2.23 18.03 -4.68
N ILE A 35 -2.82 17.88 -5.86
CA ILE A 35 -4.18 18.37 -6.10
C ILE A 35 -5.19 17.22 -6.23
N PRO A 36 -6.08 17.08 -5.22
CA PRO A 36 -7.11 16.01 -5.21
C PRO A 36 -8.22 16.20 -6.27
N PRO A 37 -8.94 15.12 -6.61
CA PRO A 37 -10.03 15.16 -7.60
C PRO A 37 -11.26 15.93 -7.10
N LYS A 38 -11.96 16.53 -8.07
CA LYS A 38 -13.16 17.36 -7.80
C LYS A 38 -12.85 18.57 -6.89
N ASP A 39 -11.57 18.93 -6.87
CA ASP A 39 -11.10 20.10 -6.12
C ASP A 39 -10.91 21.26 -7.09
N GLN A 40 -11.64 22.35 -6.88
CA GLN A 40 -11.56 23.48 -7.81
C GLN A 40 -10.14 24.08 -7.90
N ILE A 41 -9.76 24.38 -9.14
CA ILE A 41 -8.46 24.98 -9.47
C ILE A 41 -8.32 26.41 -8.93
N SER A 42 -9.39 27.18 -9.02
CA SER A 42 -9.35 28.58 -8.59
C SER A 42 -9.00 28.72 -7.11
N ARG A 43 -9.51 27.86 -6.23
CA ARG A 43 -9.13 27.93 -4.83
C ARG A 43 -7.62 27.73 -4.69
N VAL A 44 -7.12 26.72 -5.40
CA VAL A 44 -5.68 26.39 -5.42
C VAL A 44 -4.86 27.56 -5.96
N ALA A 45 -5.29 28.09 -7.11
CA ALA A 45 -4.62 29.22 -7.75
C ALA A 45 -4.58 30.45 -6.83
N LYS A 46 -5.73 30.74 -6.21
CA LYS A 46 -5.82 31.86 -5.28
C LYS A 46 -4.86 31.66 -4.11
N MET A 47 -4.80 30.42 -3.62
CA MET A 47 -3.90 30.06 -2.53
C MET A 47 -2.45 30.30 -2.93
N LEU A 48 -2.11 29.94 -4.18
CA LEU A 48 -0.77 30.15 -4.71
C LEU A 48 -0.45 31.65 -4.82
N ALA A 49 -1.46 32.42 -5.26
CA ALA A 49 -1.30 33.87 -5.39
C ALA A 49 -1.08 34.52 -4.02
N ASP A 50 -1.82 34.04 -3.02
CA ASP A 50 -1.68 34.55 -1.66
C ASP A 50 -0.27 34.27 -1.13
N GLU A 51 0.24 33.08 -1.45
CA GLU A 51 1.60 32.67 -1.08
C GLU A 51 2.63 33.61 -1.71
N PHE A 52 2.38 33.99 -2.96
CA PHE A 52 3.26 34.88 -3.70
C PHE A 52 3.39 36.23 -2.98
N GLY A 53 2.25 36.75 -2.52
CA GLY A 53 2.24 38.02 -1.79
C GLY A 53 3.06 37.97 -0.50
N THR A 54 2.97 36.84 0.22
CA THR A 54 3.71 36.64 1.46
C THR A 54 5.22 36.69 1.26
N ALA A 55 5.69 36.11 0.15
CA ALA A 55 7.12 36.08 -0.18
C ALA A 55 7.69 37.50 -0.33
N SER A 56 6.91 38.37 -0.95
CA SER A 56 7.30 39.78 -1.14
C SER A 56 7.54 40.48 0.21
N ASN A 57 6.69 40.17 1.18
CA ASN A 57 6.76 40.76 2.53
C ASN A 57 7.97 40.26 3.33
N ILE A 58 8.53 39.12 2.93
CA ILE A 58 9.69 38.51 3.60
C ILE A 58 10.94 39.43 3.60
N LYS A 59 11.17 40.11 2.47
CA LYS A 59 12.31 41.05 2.28
C LYS A 59 13.72 40.39 2.37
N SER A 60 13.79 39.08 2.18
CA SER A 60 15.10 38.37 2.21
C SER A 60 16.09 38.85 1.14
N ARG A 61 15.55 39.13 -0.06
CA ARG A 61 16.34 39.57 -1.25
C ARG A 61 17.17 38.43 -1.86
N VAL A 62 17.06 37.25 -1.25
CA VAL A 62 17.73 36.04 -1.75
C VAL A 62 16.72 34.89 -1.70
N ASN A 63 16.22 34.65 -0.49
CA ASN A 63 15.20 33.65 -0.21
C ASN A 63 13.93 33.94 -1.01
N ARG A 64 13.58 35.23 -1.10
CA ARG A 64 12.35 35.65 -1.80
C ARG A 64 12.39 35.23 -3.27
N LEU A 65 13.53 35.39 -3.91
CA LEU A 65 13.68 35.03 -5.32
C LEU A 65 13.38 33.55 -5.53
N SER A 66 14.01 32.72 -4.71
CA SER A 66 13.83 31.28 -4.78
C SER A 66 12.37 30.87 -4.50
N VAL A 67 11.75 31.52 -3.51
CA VAL A 67 10.36 31.22 -3.18
C VAL A 67 9.40 31.67 -4.28
N LEU A 68 9.64 32.85 -4.85
CA LEU A 68 8.79 33.36 -5.93
C LEU A 68 8.91 32.50 -7.18
N GLY A 69 10.14 32.06 -7.48
CA GLY A 69 10.37 31.22 -8.64
C GLY A 69 9.60 29.91 -8.57
N ALA A 70 9.69 29.25 -7.41
CA ALA A 70 8.97 27.99 -7.19
C ALA A 70 7.46 28.16 -7.34
N ILE A 71 6.93 29.20 -6.70
CA ILE A 71 5.50 29.52 -6.75
C ILE A 71 5.05 29.78 -8.20
N THR A 72 5.79 30.65 -8.90
CA THR A 72 5.47 30.98 -10.28
C THR A 72 5.53 29.75 -11.19
N SER A 73 6.54 28.90 -10.97
CA SER A 73 6.72 27.68 -11.75
C SER A 73 5.52 26.74 -11.65
N VAL A 74 5.08 26.46 -10.41
CA VAL A 74 3.94 25.58 -10.19
C VAL A 74 2.66 26.16 -10.82
N GLN A 75 2.49 27.49 -10.72
CA GLN A 75 1.33 28.17 -11.28
C GLN A 75 1.21 28.02 -12.80
N GLN A 76 2.34 28.09 -13.50
CA GLN A 76 2.35 27.96 -14.96
C GLN A 76 1.81 26.61 -15.43
N ARG A 77 2.18 25.56 -14.70
CA ARG A 77 1.75 24.20 -15.00
C ARG A 77 0.25 24.06 -14.70
N LEU A 78 -0.16 24.69 -13.60
CA LEU A 78 -1.57 24.73 -13.14
C LEU A 78 -2.47 25.39 -14.20
N LYS A 79 -1.95 26.45 -14.82
CA LYS A 79 -2.63 27.25 -15.84
C LYS A 79 -3.02 26.41 -17.06
N LEU A 80 -2.15 25.45 -17.40
CA LEU A 80 -2.35 24.57 -18.56
C LEU A 80 -3.65 23.77 -18.45
N TYR A 81 -3.99 23.26 -17.26
CA TYR A 81 -5.22 22.48 -17.12
C TYR A 81 -6.37 23.36 -16.56
N ASN A 82 -7.44 23.46 -17.35
CA ASN A 82 -8.63 24.25 -16.97
C ASN A 82 -9.43 23.64 -15.80
N LYS A 83 -9.56 22.32 -15.81
CA LYS A 83 -10.31 21.60 -14.78
C LYS A 83 -9.53 20.35 -14.35
N VAL A 84 -9.54 20.03 -13.05
CA VAL A 84 -8.78 18.88 -12.55
C VAL A 84 -9.37 17.53 -13.01
N PRO A 85 -8.48 16.67 -13.56
CA PRO A 85 -8.77 15.29 -14.00
C PRO A 85 -9.04 14.33 -12.84
N PRO A 86 -9.71 13.18 -13.11
CA PRO A 86 -10.01 12.22 -12.05
C PRO A 86 -8.73 11.60 -11.47
N ASN A 87 -8.80 11.24 -10.19
CA ASN A 87 -7.68 10.72 -9.39
C ASN A 87 -6.64 11.82 -9.10
N GLY A 88 -7.02 13.08 -9.35
CA GLY A 88 -6.17 14.23 -9.04
C GLY A 88 -4.91 14.40 -9.88
N LEU A 89 -4.06 15.33 -9.44
CA LEU A 89 -2.77 15.62 -10.07
C LEU A 89 -1.66 15.84 -9.04
N VAL A 90 -0.44 15.44 -9.39
CA VAL A 90 0.70 15.69 -8.51
C VAL A 90 1.72 16.54 -9.26
N VAL A 91 2.18 17.62 -8.63
CA VAL A 91 3.14 18.52 -9.27
C VAL A 91 4.34 18.82 -8.37
N TYR A 92 5.55 18.67 -8.90
CA TYR A 92 6.74 19.01 -8.12
C TYR A 92 7.51 20.12 -8.83
N CYS A 93 7.89 21.14 -8.08
CA CYS A 93 8.65 22.27 -8.64
C CYS A 93 9.73 22.75 -7.67
N GLY A 94 10.82 23.28 -8.19
CA GLY A 94 11.86 23.79 -7.32
C GLY A 94 13.24 23.82 -7.93
N THR A 95 14.23 24.09 -7.08
CA THR A 95 15.63 24.14 -7.49
C THR A 95 16.42 23.11 -6.70
N ILE A 96 17.21 22.30 -7.39
CA ILE A 96 17.99 21.25 -6.75
C ILE A 96 19.45 21.28 -7.18
N VAL A 97 20.30 20.67 -6.38
CA VAL A 97 21.74 20.63 -6.65
C VAL A 97 22.17 19.22 -7.04
N THR A 98 22.96 19.14 -8.10
CA THR A 98 23.42 17.88 -8.66
C THR A 98 24.96 17.77 -8.64
N GLU A 99 25.46 16.65 -9.14
CA GLU A 99 26.90 16.36 -9.14
C GLU A 99 27.72 17.40 -9.94
N GLU A 100 28.88 17.71 -9.36
CA GLU A 100 29.85 18.70 -9.88
C GLU A 100 29.36 20.16 -9.78
N GLY A 101 28.51 20.43 -8.79
CA GLY A 101 28.03 21.78 -8.53
C GLY A 101 27.09 22.35 -9.58
N LYS A 102 26.48 21.48 -10.37
CA LYS A 102 25.55 21.92 -11.42
C LYS A 102 24.16 22.18 -10.86
N GLU A 103 23.44 23.11 -11.47
CA GLU A 103 22.08 23.44 -11.03
C GLU A 103 21.06 22.73 -11.91
N LYS A 104 20.14 22.05 -11.26
CA LYS A 104 19.10 21.31 -11.98
C LYS A 104 17.70 21.83 -11.63
N LYS A 105 16.93 22.09 -12.66
CA LYS A 105 15.56 22.57 -12.49
C LYS A 105 14.58 21.43 -12.81
N VAL A 106 13.52 21.32 -12.03
CA VAL A 106 12.57 20.25 -12.25
C VAL A 106 11.11 20.72 -12.30
N ASN A 107 10.43 20.28 -13.35
CA ASN A 107 9.02 20.58 -13.55
C ASN A 107 8.27 19.31 -13.94
N ILE A 108 7.72 18.61 -12.96
CA ILE A 108 7.02 17.36 -13.22
C ILE A 108 5.54 17.35 -12.81
N ASP A 109 4.65 17.09 -13.76
CA ASP A 109 3.23 16.94 -13.44
C ASP A 109 2.75 15.63 -14.08
N PHE A 110 1.89 14.93 -13.38
CA PHE A 110 1.38 13.65 -13.86
C PHE A 110 0.08 13.28 -13.15
N GLU A 111 -0.68 12.39 -13.75
CA GLU A 111 -1.92 11.96 -13.12
C GLU A 111 -1.67 10.72 -12.24
N PRO A 112 -1.76 10.92 -10.91
CA PRO A 112 -1.57 9.88 -9.89
C PRO A 112 -2.71 8.85 -9.88
N PHE A 113 -2.42 7.62 -9.49
CA PHE A 113 -3.46 6.60 -9.49
C PHE A 113 -4.06 6.36 -8.09
N LYS A 114 -5.38 6.56 -8.06
CA LYS A 114 -6.26 6.39 -6.88
C LYS A 114 -5.98 7.26 -5.61
N PRO A 115 -5.47 8.52 -5.71
CA PRO A 115 -5.28 9.42 -4.57
C PRO A 115 -6.42 10.46 -4.44
N ILE A 116 -7.24 10.39 -3.40
CA ILE A 116 -8.34 11.35 -3.25
C ILE A 116 -8.27 12.20 -1.97
N ASN A 117 -8.41 13.51 -2.19
CA ASN A 117 -8.42 14.53 -1.11
C ASN A 117 -7.11 14.56 -0.28
N THR A 118 -5.96 14.41 -0.93
CA THR A 118 -4.68 14.49 -0.22
C THR A 118 -4.46 15.90 0.36
N SER A 119 -4.82 16.92 -0.44
CA SER A 119 -4.73 18.34 -0.05
C SER A 119 -3.35 18.74 0.51
N LEU A 120 -2.28 18.24 -0.07
CA LEU A 120 -0.94 18.54 0.45
C LEU A 120 -0.16 19.59 -0.35
N TYR A 121 0.19 20.67 0.34
CA TYR A 121 1.05 21.72 -0.19
C TYR A 121 2.07 22.09 0.88
N LEU A 122 3.34 21.90 0.60
CA LEU A 122 4.36 22.22 1.61
C LEU A 122 5.57 22.96 1.05
N CYS A 123 6.14 23.78 1.92
CA CYS A 123 7.37 24.52 1.63
C CYS A 123 8.46 23.90 2.51
N ASP A 124 9.46 23.29 1.91
CA ASP A 124 10.49 22.62 2.70
C ASP A 124 11.78 22.42 1.89
N ASN A 125 12.84 22.01 2.57
CA ASN A 125 14.14 21.76 1.95
C ASN A 125 14.17 20.51 1.04
N LYS A 126 13.11 19.72 1.07
CA LYS A 126 13.06 18.51 0.23
C LYS A 126 11.62 18.16 -0.18
N PHE A 127 11.48 17.37 -1.24
CA PHE A 127 10.17 16.92 -1.72
C PHE A 127 9.61 15.82 -0.82
N HIS A 128 8.29 15.75 -0.71
CA HIS A 128 7.67 14.74 0.14
C HIS A 128 7.12 13.58 -0.69
N THR A 129 7.65 12.39 -0.42
CA THR A 129 7.26 11.16 -1.12
C THR A 129 6.27 10.30 -0.31
N GLU A 130 5.85 10.79 0.84
CA GLU A 130 4.94 10.03 1.71
C GLU A 130 3.61 9.73 1.03
N ALA A 131 3.06 10.68 0.27
CA ALA A 131 1.81 10.44 -0.44
C ALA A 131 2.00 9.36 -1.52
N LEU A 132 3.15 9.41 -2.19
CA LEU A 132 3.50 8.44 -3.24
C LEU A 132 3.59 7.01 -2.69
N THR A 133 4.16 6.86 -1.49
CA THR A 133 4.32 5.54 -0.87
C THR A 133 2.98 4.94 -0.42
N ALA A 134 1.98 5.79 -0.16
CA ALA A 134 0.66 5.34 0.24
C ALA A 134 0.04 4.45 -0.86
N LEU A 135 0.25 4.87 -2.10
CA LEU A 135 -0.22 4.16 -3.29
C LEU A 135 0.40 2.75 -3.38
N LEU A 136 1.67 2.71 -3.01
CA LEU A 136 2.52 1.50 -3.03
C LEU A 136 2.16 0.44 -1.97
N SER A 137 1.41 0.81 -0.92
CA SER A 137 1.13 -0.12 0.18
C SER A 137 0.37 -1.40 -0.26
N ASP A 138 0.80 -2.50 0.38
CA ASP A 138 0.31 -3.86 0.11
C ASP A 138 -1.19 -4.08 0.33
N ASP A 139 -1.77 -3.50 1.38
CA ASP A 139 -3.20 -3.71 1.66
C ASP A 139 -4.08 -3.23 0.51
N SER A 140 -5.12 -3.99 0.20
CA SER A 140 -6.00 -3.61 -0.89
C SER A 140 -7.28 -2.98 -0.35
N LYS A 141 -7.30 -1.65 -0.47
CA LYS A 141 -8.39 -0.73 -0.05
C LYS A 141 -9.33 -1.24 1.09
N PHE A 142 -10.27 -0.38 1.47
CA PHE A 142 -11.26 -0.72 2.49
C PHE A 142 -12.66 -0.62 1.89
N GLY A 143 -13.56 -1.54 2.23
CA GLY A 143 -14.92 -1.43 1.70
C GLY A 143 -15.90 -1.07 2.79
N PHE A 144 -16.67 0.00 2.58
CA PHE A 144 -17.62 0.43 3.61
C PHE A 144 -19.08 0.44 3.16
N ILE A 145 -19.94 0.01 4.08
CA ILE A 145 -21.39 0.02 3.88
C ILE A 145 -22.03 0.89 4.94
N VAL A 146 -22.73 1.90 4.51
CA VAL A 146 -23.41 2.78 5.46
C VAL A 146 -24.91 2.49 5.27
N ILE A 147 -25.55 2.04 6.36
CA ILE A 147 -26.96 1.63 6.35
C ILE A 147 -27.83 2.52 7.23
N ASP A 148 -28.92 2.98 6.65
CA ASP A 148 -29.86 3.84 7.34
C ASP A 148 -31.30 3.45 6.98
N GLY A 149 -32.23 3.82 7.82
CA GLY A 149 -33.64 3.52 7.60
C GLY A 149 -34.18 4.10 6.30
N SER A 150 -33.75 5.31 5.99
CA SER A 150 -34.21 6.01 4.78
C SER A 150 -33.35 5.73 3.53
N GLY A 151 -32.30 4.91 3.65
CA GLY A 151 -31.49 4.59 2.47
C GLY A 151 -30.17 3.89 2.77
N ALA A 152 -29.46 3.49 1.70
CA ALA A 152 -28.17 2.81 1.84
C ALA A 152 -27.15 3.33 0.82
N LEU A 153 -25.96 3.68 1.29
CA LEU A 153 -24.88 4.17 0.43
C LEU A 153 -23.65 3.27 0.51
N PHE A 154 -23.01 3.03 -0.64
CA PHE A 154 -21.83 2.16 -0.68
C PHE A 154 -20.59 2.91 -1.19
N GLY A 155 -19.45 2.64 -0.58
CA GLY A 155 -18.20 3.29 -0.98
C GLY A 155 -16.97 2.60 -0.45
N THR A 156 -15.79 3.03 -0.89
CA THR A 156 -14.54 2.44 -0.46
C THR A 156 -13.51 3.48 0.01
N LEU A 157 -12.70 3.10 1.00
CA LEU A 157 -11.67 3.99 1.55
C LEU A 157 -10.26 3.39 1.38
N GLN A 158 -9.36 4.06 0.68
CA GLN A 158 -7.99 3.55 0.56
C GLN A 158 -7.02 4.57 1.15
N GLY A 159 -6.25 4.21 2.17
CA GLY A 159 -5.35 5.20 2.75
C GLY A 159 -6.13 6.42 3.22
N ASN A 160 -5.85 7.56 2.60
CA ASN A 160 -6.55 8.81 2.89
C ASN A 160 -7.45 9.18 1.69
N THR A 161 -7.75 8.17 0.87
CA THR A 161 -8.58 8.32 -0.34
C THR A 161 -10.04 7.87 -0.14
N ARG A 162 -10.97 8.81 -0.34
CA ARG A 162 -12.40 8.52 -0.18
C ARG A 162 -13.13 8.26 -1.53
N GLU A 163 -13.73 7.09 -1.67
CA GLU A 163 -14.47 6.73 -2.89
C GLU A 163 -15.94 6.42 -2.63
N VAL A 164 -16.82 6.86 -3.52
CA VAL A 164 -18.26 6.55 -3.41
C VAL A 164 -18.67 5.72 -4.63
N LEU A 165 -19.17 4.50 -4.38
CA LEU A 165 -19.57 3.61 -5.48
C LEU A 165 -20.99 3.83 -6.01
N HIS A 166 -21.97 3.47 -5.19
CA HIS A 166 -23.39 3.57 -5.57
C HIS A 166 -24.31 3.59 -4.34
N LYS A 167 -25.45 4.25 -4.47
CA LYS A 167 -26.42 4.30 -3.37
C LYS A 167 -27.85 4.14 -3.87
N PHE A 168 -28.73 3.69 -3.00
CA PHE A 168 -30.14 3.49 -3.34
C PHE A 168 -31.02 3.68 -2.11
N THR A 169 -32.30 3.93 -2.33
CA THR A 169 -33.21 4.13 -1.21
C THR A 169 -34.48 3.28 -1.32
N VAL A 170 -34.88 2.76 -0.17
CA VAL A 170 -36.09 1.96 -0.04
C VAL A 170 -36.90 2.51 1.12
N ASP A 171 -38.19 2.21 1.19
CA ASP A 171 -38.96 2.71 2.32
C ASP A 171 -39.77 1.62 3.02
N LEU A 172 -39.68 1.66 4.33
CA LEU A 172 -40.42 0.76 5.20
C LEU A 172 -41.84 1.31 5.31
N PRO A 173 -42.89 0.48 5.47
CA PRO A 173 -44.25 1.04 5.61
C PRO A 173 -44.38 1.82 6.92
N LYS A 174 -44.08 3.10 6.82
CA LYS A 174 -44.09 4.06 7.93
C LYS A 174 -45.49 4.38 8.47
N LYS A 175 -46.45 4.53 7.57
CA LYS A 175 -47.81 4.89 7.99
C LYS A 175 -48.59 3.67 8.44
N HIS A 176 -48.97 3.67 9.72
CA HIS A 176 -49.71 2.55 10.30
C HIS A 176 -51.15 2.42 9.77
N GLY A 177 -51.85 3.54 9.58
CA GLY A 177 -53.21 3.44 9.07
C GLY A 177 -54.30 3.53 10.14
N ARG A 178 -54.50 4.70 10.74
CA ARG A 178 -55.52 4.83 11.81
C ARG A 178 -56.96 4.49 11.35
N GLY A 179 -57.32 4.90 10.13
CA GLY A 179 -58.66 4.68 9.61
C GLY A 179 -59.07 3.24 9.32
N GLY A 180 -58.21 2.50 8.62
CA GLY A 180 -58.54 1.13 8.30
C GLY A 180 -58.02 0.16 9.33
N GLN A 181 -58.88 -0.71 9.81
CA GLN A 181 -58.40 -1.63 10.80
C GLN A 181 -58.53 -3.07 10.40
N SER A 182 -57.43 -3.74 10.55
CA SER A 182 -57.35 -5.15 10.38
C SER A 182 -57.33 -5.74 11.78
N ALA A 183 -57.03 -4.82 12.73
CA ALA A 183 -56.94 -5.05 14.20
C ALA A 183 -55.91 -6.12 14.57
N LEU A 184 -55.96 -7.22 13.86
CA LEU A 184 -55.01 -8.30 14.04
C LEU A 184 -53.67 -7.83 13.52
N ARG A 185 -52.59 -8.40 14.01
CA ARG A 185 -51.28 -7.91 13.60
C ARG A 185 -50.86 -8.35 12.21
N PHE A 186 -51.57 -7.79 11.24
CA PHE A 186 -51.29 -7.96 9.81
C PHE A 186 -49.98 -7.21 9.57
N ALA A 187 -49.89 -6.07 10.27
CA ALA A 187 -48.74 -5.19 10.25
C ALA A 187 -47.51 -5.90 10.74
N ARG A 188 -47.66 -6.73 11.78
CA ARG A 188 -46.53 -7.50 12.27
C ARG A 188 -46.04 -8.41 11.14
N LEU A 189 -47.02 -8.99 10.43
CA LEU A 189 -46.77 -9.84 9.28
C LEU A 189 -46.04 -9.01 8.21
N ARG A 190 -46.51 -7.77 8.06
CA ARG A 190 -45.93 -6.80 7.14
C ARG A 190 -44.48 -6.55 7.54
N MET A 191 -44.28 -6.38 8.84
CA MET A 191 -42.96 -6.16 9.44
C MET A 191 -42.05 -7.33 9.13
N GLU A 192 -42.61 -8.52 9.27
CA GLU A 192 -41.91 -9.76 8.97
C GLU A 192 -41.50 -9.76 7.49
N LYS A 193 -42.41 -9.30 6.64
CA LYS A 193 -42.14 -9.19 5.21
C LYS A 193 -41.02 -8.17 4.96
N ARG A 194 -41.09 -7.08 5.73
CA ARG A 194 -40.06 -6.03 5.71
C ARG A 194 -38.72 -6.60 6.12
N HIS A 195 -38.79 -7.45 7.13
CA HIS A 195 -37.63 -8.13 7.70
C HIS A 195 -36.94 -8.99 6.63
N ASN A 196 -37.74 -9.68 5.83
CA ASN A 196 -37.21 -10.48 4.75
C ASN A 196 -36.57 -9.59 3.66
N TYR A 197 -37.20 -8.44 3.34
CA TYR A 197 -36.59 -7.49 2.41
C TYR A 197 -35.27 -6.93 2.92
N VAL A 198 -35.20 -6.65 4.22
CA VAL A 198 -33.96 -6.17 4.79
C VAL A 198 -32.88 -7.24 4.63
N ARG A 199 -33.29 -8.49 4.86
CA ARG A 199 -32.41 -9.65 4.68
C ARG A 199 -31.91 -9.73 3.23
N LYS A 200 -32.86 -9.62 2.28
CA LYS A 200 -32.54 -9.69 0.85
C LYS A 200 -31.59 -8.57 0.45
N VAL A 201 -31.81 -7.38 1.01
CA VAL A 201 -30.96 -6.22 0.74
C VAL A 201 -29.55 -6.55 1.21
N ALA A 202 -29.48 -7.20 2.36
CA ALA A 202 -28.21 -7.65 2.92
C ALA A 202 -27.53 -8.60 1.96
N GLU A 203 -28.34 -9.50 1.45
CA GLU A 203 -27.91 -10.51 0.50
C GLU A 203 -27.38 -9.87 -0.79
N THR A 204 -28.05 -8.81 -1.22
CA THR A 204 -27.65 -8.06 -2.41
C THR A 204 -26.36 -7.27 -2.18
N ALA A 205 -26.22 -6.68 -0.99
CA ALA A 205 -25.01 -5.91 -0.65
C ALA A 205 -23.79 -6.81 -0.67
N VAL A 206 -24.00 -8.01 -0.18
CA VAL A 206 -22.99 -9.06 -0.12
C VAL A 206 -22.54 -9.46 -1.53
N GLN A 207 -23.51 -9.53 -2.43
CA GLN A 207 -23.27 -9.86 -3.84
C GLN A 207 -22.31 -8.83 -4.42
N LEU A 208 -22.54 -7.58 -4.04
CA LEU A 208 -21.70 -6.47 -4.45
C LEU A 208 -20.24 -6.69 -3.97
N PHE A 209 -20.10 -7.22 -2.74
CA PHE A 209 -18.77 -7.45 -2.12
C PHE A 209 -17.92 -8.40 -2.94
N ILE A 210 -18.56 -9.44 -3.47
CA ILE A 210 -17.84 -10.45 -4.22
C ILE A 210 -18.28 -10.49 -5.68
N SER A 211 -17.31 -10.25 -6.55
CA SER A 211 -17.55 -10.27 -7.99
C SER A 211 -16.50 -11.14 -8.67
N GLY A 212 -16.92 -11.98 -9.61
CA GLY A 212 -15.97 -12.83 -10.30
C GLY A 212 -15.40 -13.92 -9.41
N ASP A 213 -16.16 -14.28 -8.36
CA ASP A 213 -15.72 -15.28 -7.37
C ASP A 213 -14.43 -14.81 -6.66
N LYS A 214 -14.39 -13.51 -6.39
CA LYS A 214 -13.27 -12.85 -5.73
C LYS A 214 -13.80 -11.66 -4.90
N VAL A 215 -13.02 -11.18 -3.93
CA VAL A 215 -13.48 -10.06 -3.10
C VAL A 215 -12.74 -8.76 -3.45
N ASN A 216 -13.52 -7.70 -3.64
CA ASN A 216 -13.01 -6.37 -4.02
C ASN A 216 -12.05 -5.74 -3.00
N VAL A 217 -12.34 -5.89 -1.72
CA VAL A 217 -11.53 -5.28 -0.67
C VAL A 217 -11.09 -6.28 0.41
N ALA A 218 -9.89 -6.05 0.95
CA ALA A 218 -9.35 -6.92 2.01
C ALA A 218 -10.26 -6.94 3.24
N GLY A 219 -10.79 -5.76 3.60
CA GLY A 219 -11.69 -5.68 4.74
C GLY A 219 -12.98 -4.95 4.41
N LEU A 220 -14.10 -5.44 4.92
CA LEU A 220 -15.40 -4.81 4.67
C LEU A 220 -16.04 -4.38 6.01
N VAL A 221 -16.49 -3.14 6.08
CA VAL A 221 -17.13 -2.61 7.30
C VAL A 221 -18.56 -2.11 7.06
N LEU A 222 -19.49 -2.56 7.89
CA LEU A 222 -20.90 -2.16 7.77
C LEU A 222 -21.35 -1.39 9.01
N ALA A 223 -22.14 -0.33 8.79
CA ALA A 223 -22.65 0.50 9.89
C ALA A 223 -24.16 0.71 9.78
N GLY A 224 -24.80 1.08 10.89
CA GLY A 224 -26.25 1.29 10.87
C GLY A 224 -26.83 1.74 12.21
N SER A 225 -28.15 1.73 12.29
CA SER A 225 -28.86 2.16 13.51
C SER A 225 -30.03 1.24 13.82
N ALA A 226 -30.48 1.27 15.08
CA ALA A 226 -31.61 0.43 15.55
C ALA A 226 -31.34 -1.05 15.30
N ASP A 227 -30.07 -1.40 15.35
CA ASP A 227 -29.58 -2.77 15.16
C ASP A 227 -29.93 -3.39 13.80
N PHE A 228 -30.07 -2.60 12.74
CA PHE A 228 -30.33 -3.20 11.43
C PHE A 228 -29.10 -3.94 10.95
N LYS A 229 -27.93 -3.35 11.18
CA LYS A 229 -26.66 -3.97 10.77
C LYS A 229 -26.31 -5.25 11.55
N THR A 230 -26.57 -5.28 12.86
CA THR A 230 -26.28 -6.48 13.66
C THR A 230 -27.06 -7.68 13.13
N GLU A 231 -28.36 -7.43 12.95
CA GLU A 231 -29.29 -8.40 12.39
C GLU A 231 -28.88 -8.77 10.95
N LEU A 232 -28.46 -7.73 10.25
CA LEU A 232 -28.03 -7.76 8.86
C LEU A 232 -26.84 -8.72 8.69
N SER A 233 -25.90 -8.57 9.62
CA SER A 233 -24.65 -9.36 9.65
C SER A 233 -24.83 -10.88 9.75
N GLN A 234 -25.78 -11.35 10.56
CA GLN A 234 -25.92 -12.80 10.70
C GLN A 234 -27.18 -13.35 10.03
N SER A 235 -26.95 -13.97 8.87
CA SER A 235 -27.96 -14.68 8.10
C SER A 235 -27.23 -15.64 7.16
N ASP A 236 -27.85 -16.75 6.76
CA ASP A 236 -27.16 -17.71 5.90
C ASP A 236 -26.70 -17.13 4.55
N MET A 237 -27.60 -16.46 3.83
CA MET A 237 -27.25 -15.88 2.52
C MET A 237 -26.25 -14.70 2.60
N PHE A 238 -26.43 -13.84 3.59
CA PHE A 238 -25.57 -12.63 3.79
C PHE A 238 -24.09 -12.89 4.02
N ASP A 239 -23.70 -13.88 4.80
CA ASP A 239 -22.28 -14.00 5.10
C ASP A 239 -21.37 -14.22 3.87
N GLN A 240 -21.69 -15.17 2.99
CA GLN A 240 -20.85 -15.43 1.79
C GLN A 240 -19.37 -15.58 2.20
N ARG A 241 -19.16 -16.25 3.33
CA ARG A 241 -17.82 -16.49 3.91
C ARG A 241 -17.11 -15.16 4.33
N LEU A 242 -17.76 -14.02 4.10
CA LEU A 242 -17.20 -12.70 4.44
C LEU A 242 -17.57 -12.21 5.86
N GLN A 243 -18.50 -12.89 6.53
CA GLN A 243 -18.96 -12.48 7.87
C GLN A 243 -17.83 -12.47 8.91
N SER A 244 -16.96 -13.47 8.84
CA SER A 244 -15.82 -13.59 9.75
C SER A 244 -14.88 -12.38 9.64
N LYS A 245 -14.69 -11.93 8.41
CA LYS A 245 -13.83 -10.80 8.07
C LYS A 245 -14.23 -9.47 8.74
N VAL A 246 -15.54 -9.18 8.84
CA VAL A 246 -15.98 -7.91 9.43
C VAL A 246 -15.76 -7.88 10.94
N LEU A 247 -15.06 -6.83 11.40
CA LEU A 247 -14.70 -6.65 12.81
C LEU A 247 -15.73 -5.88 13.65
N LYS A 248 -15.85 -4.58 13.39
CA LYS A 248 -16.77 -3.73 14.16
C LYS A 248 -18.05 -3.34 13.47
N LEU A 249 -19.08 -3.36 14.28
CA LEU A 249 -20.38 -2.86 13.89
C LEU A 249 -20.50 -1.57 14.70
N VAL A 250 -20.84 -0.47 14.09
CA VAL A 250 -20.90 0.79 14.85
C VAL A 250 -22.29 1.41 14.82
N ASP A 251 -22.79 1.76 16.01
CA ASP A 251 -24.10 2.38 16.10
C ASP A 251 -24.00 3.81 15.61
N ILE A 252 -24.86 4.17 14.68
CA ILE A 252 -24.86 5.52 14.14
C ILE A 252 -26.26 6.11 14.14
N SER A 253 -26.32 7.42 14.07
CA SER A 253 -27.57 8.16 14.04
C SER A 253 -27.47 9.22 12.95
N TYR A 254 -28.61 9.62 12.35
CA TYR A 254 -28.60 10.66 11.30
C TYR A 254 -27.58 10.40 10.19
N GLY A 255 -27.45 9.14 9.78
CA GLY A 255 -26.51 8.76 8.74
C GLY A 255 -26.82 9.32 7.35
N GLY A 256 -25.80 9.91 6.77
CA GLY A 256 -25.86 10.51 5.44
C GLY A 256 -24.65 11.41 5.25
N GLU A 257 -23.49 10.77 5.16
CA GLU A 257 -22.20 11.46 5.08
C GLU A 257 -22.00 12.32 6.34
N ASN A 258 -22.77 11.93 7.34
CA ASN A 258 -22.77 12.50 8.68
C ASN A 258 -22.94 11.34 9.67
N GLY A 259 -22.06 11.25 10.68
CA GLY A 259 -22.11 10.12 11.64
C GLY A 259 -21.69 8.80 11.00
N PHE A 260 -22.11 8.58 9.76
CA PHE A 260 -21.74 7.43 8.95
C PHE A 260 -20.21 7.41 8.73
N ASN A 261 -19.66 8.59 8.48
CA ASN A 261 -18.22 8.76 8.30
C ASN A 261 -17.44 8.35 9.55
N GLN A 262 -17.99 8.69 10.72
CA GLN A 262 -17.38 8.38 12.02
C GLN A 262 -17.22 6.86 12.21
N ALA A 263 -18.21 6.10 11.79
CA ALA A 263 -18.17 4.65 11.89
C ALA A 263 -16.99 4.08 11.12
N ILE A 264 -16.74 4.66 9.95
CA ILE A 264 -15.63 4.26 9.09
C ILE A 264 -14.27 4.43 9.79
N GLU A 265 -14.08 5.60 10.42
CA GLU A 265 -12.81 5.90 11.11
C GLU A 265 -12.46 4.91 12.24
N LEU A 266 -13.42 4.58 13.11
CA LEU A 266 -13.15 3.64 14.23
C LEU A 266 -12.91 2.20 13.75
N SER A 267 -13.67 1.79 12.76
CA SER A 267 -13.55 0.45 12.18
C SER A 267 -12.17 0.19 11.57
N THR A 268 -11.64 1.20 10.90
CA THR A 268 -10.34 1.09 10.22
C THR A 268 -9.17 0.76 11.17
N GLU A 269 -9.15 1.35 12.37
CA GLU A 269 -8.06 1.07 13.32
C GLU A 269 -8.07 -0.41 13.71
N VAL A 270 -9.26 -0.94 13.90
CA VAL A 270 -9.50 -2.35 14.21
C VAL A 270 -9.17 -3.26 13.01
N LEU A 271 -9.53 -2.81 11.82
CA LEU A 271 -9.28 -3.59 10.59
C LEU A 271 -7.76 -3.78 10.49
N SER A 272 -6.99 -2.75 10.82
CA SER A 272 -5.54 -2.88 10.82
C SER A 272 -5.15 -3.98 11.82
N ASN A 273 -5.84 -4.01 12.96
CA ASN A 273 -5.65 -5.03 14.00
C ASN A 273 -5.92 -6.45 13.49
N VAL A 274 -6.96 -6.63 12.64
CA VAL A 274 -7.28 -7.97 12.11
C VAL A 274 -6.09 -8.49 11.31
N LYS A 275 -5.43 -7.61 10.56
CA LYS A 275 -4.26 -8.02 9.79
C LYS A 275 -3.19 -8.57 10.74
N PHE A 276 -3.03 -7.92 11.90
CA PHE A 276 -2.08 -8.39 12.91
C PHE A 276 -2.44 -9.80 13.41
N ILE A 277 -3.74 -10.08 13.59
CA ILE A 277 -4.17 -11.40 14.05
C ILE A 277 -4.20 -12.39 12.89
N GLN A 278 -4.48 -11.90 11.68
CA GLN A 278 -4.46 -12.76 10.49
C GLN A 278 -3.07 -13.35 10.33
N GLU A 279 -2.06 -12.48 10.50
CA GLU A 279 -0.68 -12.89 10.46
C GLU A 279 -0.43 -13.91 11.56
N LYS A 280 -1.03 -13.66 12.73
CA LYS A 280 -0.92 -14.55 13.88
C LYS A 280 -1.49 -15.94 13.57
N LYS A 281 -2.61 -15.99 12.85
CA LYS A 281 -3.20 -17.27 12.46
C LYS A 281 -2.21 -18.03 11.58
N LEU A 282 -1.55 -17.29 10.69
CA LEU A 282 -0.51 -17.85 9.83
C LEU A 282 0.63 -18.38 10.69
N ILE A 283 0.94 -17.59 11.72
CA ILE A 283 1.96 -17.89 12.70
C ILE A 283 1.69 -19.20 13.45
N GLY A 284 0.46 -19.36 13.94
CA GLY A 284 0.12 -20.59 14.64
C GLY A 284 0.31 -21.80 13.73
N ARG A 285 -0.11 -21.63 12.48
CA ARG A 285 0.06 -22.68 11.46
C ARG A 285 1.55 -22.98 11.26
N TYR A 286 2.34 -21.91 11.24
CA TYR A 286 3.80 -21.97 11.06
C TYR A 286 4.44 -22.80 12.20
N PHE A 287 4.07 -22.48 13.44
CA PHE A 287 4.58 -23.21 14.61
C PHE A 287 4.20 -24.69 14.59
N ASP A 288 2.98 -25.00 14.16
CA ASP A 288 2.53 -26.39 14.09
C ASP A 288 3.42 -27.19 13.13
N GLU A 289 3.79 -26.55 12.03
CA GLU A 289 4.69 -27.13 11.04
C GLU A 289 6.05 -27.42 11.68
N ILE A 290 6.50 -26.47 12.53
CA ILE A 290 7.77 -26.60 13.26
C ILE A 290 7.73 -27.84 14.17
N SER A 291 6.59 -28.04 14.82
CA SER A 291 6.36 -29.19 15.71
C SER A 291 6.53 -30.50 14.92
N GLN A 292 6.02 -30.46 13.69
CA GLN A 292 6.07 -31.56 12.74
C GLN A 292 7.53 -31.95 12.41
N ASP A 293 8.40 -30.93 12.34
CA ASP A 293 9.82 -31.10 11.96
C ASP A 293 9.98 -31.69 10.56
N THR A 294 9.12 -31.23 9.66
CA THR A 294 9.17 -31.64 8.26
C THR A 294 10.41 -31.04 7.58
N GLY A 295 10.76 -29.82 7.98
CA GLY A 295 11.89 -29.13 7.38
C GLY A 295 11.53 -28.48 6.05
N LYS A 296 10.23 -28.47 5.75
CA LYS A 296 9.70 -27.88 4.52
C LYS A 296 10.03 -26.39 4.41
N TYR A 297 9.93 -25.68 5.52
CA TYR A 297 10.25 -24.25 5.54
C TYR A 297 11.75 -24.04 5.39
N CYS A 298 12.15 -23.03 4.63
CA CYS A 298 13.57 -22.77 4.42
C CYS A 298 13.96 -21.39 4.93
N PHE A 299 15.25 -21.12 4.98
CA PHE A 299 15.74 -19.83 5.45
C PHE A 299 17.13 -19.48 4.89
N GLY A 300 17.45 -18.20 4.93
CA GLY A 300 18.70 -17.68 4.38
C GLY A 300 18.45 -16.86 3.12
N VAL A 301 19.19 -15.77 2.97
CA VAL A 301 19.01 -14.86 1.83
C VAL A 301 19.21 -15.50 0.46
N GLU A 302 20.32 -16.22 0.31
CA GLU A 302 20.64 -16.88 -0.95
C GLU A 302 19.69 -18.04 -1.25
N ASP A 303 19.22 -18.68 -0.17
CA ASP A 303 18.31 -19.81 -0.28
C ASP A 303 17.03 -19.40 -0.98
N THR A 304 16.52 -18.21 -0.66
CA THR A 304 15.27 -17.73 -1.26
C THR A 304 15.37 -17.58 -2.78
N LEU A 305 16.47 -17.02 -3.31
CA LEU A 305 16.61 -16.89 -4.76
C LEU A 305 16.59 -18.26 -5.43
N LYS A 306 17.26 -19.21 -4.79
CA LYS A 306 17.33 -20.59 -5.25
C LYS A 306 15.94 -21.26 -5.17
N ALA A 307 15.23 -20.96 -4.08
CA ALA A 307 13.88 -21.51 -3.87
C ALA A 307 12.92 -21.11 -4.98
N LEU A 308 12.98 -19.85 -5.39
CA LEU A 308 12.15 -19.35 -6.48
C LEU A 308 12.51 -20.00 -7.82
N GLU A 309 13.80 -20.21 -8.08
CA GLU A 309 14.22 -20.82 -9.34
C GLU A 309 13.64 -22.23 -9.46
N MET A 310 13.62 -22.93 -8.34
CA MET A 310 13.01 -24.26 -8.23
C MET A 310 11.50 -24.18 -8.54
N GLY A 311 10.88 -23.11 -8.03
CA GLY A 311 9.44 -22.87 -8.20
C GLY A 311 8.59 -23.66 -7.23
N ALA A 312 9.24 -24.28 -6.26
CA ALA A 312 8.57 -25.09 -5.24
C ALA A 312 7.94 -24.26 -4.10
N VAL A 313 8.23 -22.96 -4.02
CA VAL A 313 7.71 -22.13 -2.91
C VAL A 313 6.36 -21.48 -3.20
N GLU A 314 5.33 -21.98 -2.50
CA GLU A 314 3.97 -21.44 -2.59
C GLU A 314 3.88 -19.95 -2.20
N ILE A 315 4.45 -19.64 -1.04
CA ILE A 315 4.40 -18.29 -0.48
C ILE A 315 5.79 -17.66 -0.28
N LEU A 316 5.94 -16.44 -0.79
CA LEU A 316 7.16 -15.66 -0.64
C LEU A 316 6.92 -14.55 0.38
N ILE A 317 7.81 -14.41 1.35
CA ILE A 317 7.65 -13.39 2.40
C ILE A 317 8.82 -12.41 2.41
N VAL A 318 8.53 -11.14 2.26
CA VAL A 318 9.55 -10.10 2.27
C VAL A 318 9.21 -8.95 3.23
N TYR A 319 10.22 -8.19 3.62
CA TYR A 319 10.06 -7.05 4.53
C TYR A 319 10.39 -5.75 3.79
N GLU A 320 9.61 -4.69 4.03
CA GLU A 320 9.84 -3.39 3.36
C GLU A 320 11.23 -2.86 3.69
N ASN A 321 11.64 -3.02 4.94
CA ASN A 321 12.97 -2.61 5.35
C ASN A 321 13.91 -3.80 5.14
N LEU A 322 14.43 -3.91 3.93
CA LEU A 322 15.32 -5.01 3.59
C LEU A 322 16.77 -4.57 3.64
N ASP A 323 17.54 -5.26 4.47
CA ASP A 323 18.95 -4.97 4.66
C ASP A 323 19.85 -5.74 3.69
N ILE A 324 19.27 -6.54 2.81
CA ILE A 324 20.06 -7.32 1.87
C ILE A 324 19.72 -6.99 0.41
N MET A 325 20.76 -6.66 -0.36
CA MET A 325 20.62 -6.30 -1.78
C MET A 325 21.61 -7.11 -2.65
N ARG A 326 21.34 -7.21 -3.96
CA ARG A 326 22.20 -7.99 -4.86
C ARG A 326 23.29 -7.12 -5.51
N TYR A 327 24.55 -7.51 -5.25
CA TYR A 327 25.74 -6.80 -5.72
C TYR A 327 26.65 -7.67 -6.61
N VAL A 328 27.20 -7.07 -7.67
CA VAL A 328 28.11 -7.78 -8.58
C VAL A 328 29.55 -7.30 -8.34
N LEU A 329 30.46 -8.26 -8.16
CA LEU A 329 31.86 -7.93 -7.83
C LEU A 329 32.89 -8.41 -8.85
N HIS A 330 33.92 -7.59 -9.05
CA HIS A 330 35.04 -7.94 -9.96
C HIS A 330 36.28 -8.38 -9.18
N CYS A 331 36.81 -9.52 -9.58
CA CYS A 331 38.03 -10.09 -8.97
C CYS A 331 39.28 -9.27 -9.31
N GLN A 332 40.29 -9.33 -8.44
CA GLN A 332 41.56 -8.61 -8.67
C GLN A 332 42.20 -9.09 -9.97
N GLY A 333 42.12 -10.40 -10.19
CA GLY A 333 42.63 -11.01 -11.41
C GLY A 333 41.93 -10.47 -12.66
N THR A 334 40.62 -10.20 -12.50
CA THR A 334 39.71 -9.69 -13.55
C THR A 334 39.23 -10.78 -14.51
N GLU A 335 39.68 -12.00 -14.23
CA GLU A 335 39.28 -13.17 -15.01
C GLU A 335 38.00 -13.80 -14.45
N GLU A 336 37.70 -13.49 -13.18
CA GLU A 336 36.54 -14.07 -12.49
C GLU A 336 35.53 -13.01 -12.01
N GLU A 337 34.25 -13.36 -12.16
CA GLU A 337 33.14 -12.50 -11.74
C GLU A 337 32.52 -13.09 -10.45
N LYS A 338 32.13 -12.24 -9.49
CA LYS A 338 31.58 -12.77 -8.22
C LYS A 338 30.24 -12.15 -7.77
N ILE A 339 29.34 -13.00 -7.25
CA ILE A 339 28.02 -12.60 -6.72
C ILE A 339 27.86 -12.95 -5.24
N LEU A 340 27.47 -11.96 -4.44
CA LEU A 340 27.27 -12.16 -3.01
C LEU A 340 26.17 -11.23 -2.47
N TYR A 341 25.62 -11.58 -1.32
CA TYR A 341 24.60 -10.75 -0.68
C TYR A 341 25.28 -9.99 0.45
N LEU A 342 25.09 -8.68 0.51
CA LEU A 342 25.78 -7.89 1.52
C LEU A 342 24.86 -7.13 2.49
N THR A 343 25.25 -7.14 3.76
CA THR A 343 24.56 -6.39 4.81
C THR A 343 24.80 -4.88 4.63
N PRO A 344 23.95 -4.01 5.20
CA PRO A 344 24.10 -2.55 5.05
C PRO A 344 25.52 -2.07 5.38
N GLU A 345 26.12 -2.64 6.42
CA GLU A 345 27.49 -2.30 6.82
C GLU A 345 28.48 -2.60 5.69
N GLN A 346 28.30 -3.76 5.07
CA GLN A 346 29.15 -4.20 3.95
C GLN A 346 28.90 -3.36 2.70
N GLU A 347 27.62 -3.05 2.47
CA GLU A 347 27.18 -2.25 1.32
C GLU A 347 27.78 -0.83 1.30
N LYS A 348 27.87 -0.22 2.48
CA LYS A 348 28.40 1.14 2.61
C LYS A 348 29.86 1.28 2.14
N ASP A 349 30.72 0.30 2.42
CA ASP A 349 32.11 0.40 1.99
C ASP A 349 32.24 -0.19 0.58
N LYS A 350 31.69 0.54 -0.39
CA LYS A 350 31.71 0.12 -1.80
C LYS A 350 33.10 -0.04 -2.43
N SER A 351 34.02 0.88 -2.13
CA SER A 351 35.35 0.80 -2.75
C SER A 351 36.23 -0.37 -2.27
N HIS A 352 36.21 -0.68 -0.97
CA HIS A 352 37.01 -1.80 -0.48
C HIS A 352 36.34 -3.15 -0.73
N PHE A 353 35.06 -3.22 -0.33
CA PHE A 353 34.23 -4.42 -0.47
C PHE A 353 34.96 -5.67 0.08
N THR A 354 35.64 -5.50 1.20
CA THR A 354 36.42 -6.60 1.80
C THR A 354 35.97 -6.97 3.21
N ASP A 355 35.76 -8.27 3.44
CA ASP A 355 35.40 -8.75 4.77
C ASP A 355 36.65 -8.86 5.62
N LYS A 356 36.60 -8.32 6.83
CA LYS A 356 37.76 -8.31 7.73
C LYS A 356 38.26 -9.71 8.11
N GLU A 357 37.33 -10.63 8.37
CA GLU A 357 37.71 -11.99 8.80
C GLU A 357 38.53 -12.80 7.77
N THR A 358 38.20 -12.71 6.48
CA THR A 358 38.93 -13.48 5.47
C THR A 358 39.79 -12.69 4.47
N GLY A 359 39.67 -11.36 4.44
CA GLY A 359 40.47 -10.58 3.49
C GLY A 359 40.04 -10.75 2.02
N GLN A 360 38.75 -11.02 1.79
CA GLN A 360 38.22 -11.23 0.43
C GLN A 360 38.40 -10.01 -0.49
N GLU A 361 38.76 -10.25 -1.75
CA GLU A 361 38.98 -9.14 -2.71
C GLU A 361 37.77 -8.96 -3.64
N HIS A 362 37.00 -7.90 -3.41
CA HIS A 362 35.81 -7.61 -4.24
C HIS A 362 35.74 -6.16 -4.76
N GLU A 363 35.32 -5.98 -6.01
CA GLU A 363 35.11 -4.62 -6.57
C GLU A 363 33.64 -4.45 -6.99
N LEU A 364 32.99 -3.36 -6.60
CA LEU A 364 31.57 -3.17 -6.95
C LEU A 364 31.32 -2.17 -8.10
N ILE A 365 30.71 -2.66 -9.17
CA ILE A 365 30.37 -1.78 -10.30
C ILE A 365 28.89 -1.33 -10.30
N GLU A 366 27.98 -2.30 -10.18
CA GLU A 366 26.53 -2.04 -10.20
C GLU A 366 25.76 -2.90 -9.19
N SER A 367 24.77 -2.33 -8.51
CA SER A 367 23.97 -3.11 -7.55
C SER A 367 22.46 -3.00 -7.83
N MET A 368 21.78 -4.15 -7.70
CA MET A 368 20.33 -4.25 -7.89
C MET A 368 19.62 -4.72 -6.61
N PRO A 369 18.79 -3.89 -5.95
CA PRO A 369 18.12 -4.30 -4.72
C PRO A 369 17.21 -5.53 -4.90
N LEU A 370 17.25 -6.41 -3.89
CA LEU A 370 16.46 -7.65 -3.87
C LEU A 370 14.95 -7.42 -3.77
N LEU A 371 14.54 -6.45 -2.96
CA LEU A 371 13.11 -6.19 -2.74
C LEU A 371 12.38 -5.85 -4.03
N GLU A 372 12.91 -4.93 -4.81
CA GLU A 372 12.29 -4.57 -6.08
C GLU A 372 12.27 -5.76 -7.06
N TRP A 373 13.39 -6.50 -7.08
CA TRP A 373 13.53 -7.67 -7.95
C TRP A 373 12.48 -8.76 -7.68
N PHE A 374 12.33 -9.15 -6.40
CA PHE A 374 11.35 -10.19 -6.01
C PHE A 374 9.91 -9.83 -6.37
N ALA A 375 9.54 -8.57 -6.18
CA ALA A 375 8.17 -8.11 -6.46
C ALA A 375 7.86 -8.12 -7.96
N ASN A 376 8.81 -7.70 -8.77
CA ASN A 376 8.64 -7.67 -10.22
C ASN A 376 8.58 -9.07 -10.87
N ASN A 377 9.41 -9.98 -10.38
CA ASN A 377 9.53 -11.32 -10.98
C ASN A 377 8.78 -12.47 -10.27
N TYR A 378 8.04 -12.24 -9.20
CA TYR A 378 7.39 -13.37 -8.48
C TYR A 378 6.43 -14.15 -9.37
N LYS A 379 5.74 -13.47 -10.29
CA LYS A 379 4.75 -14.13 -11.16
C LYS A 379 5.34 -15.24 -12.05
N LYS A 380 6.54 -15.05 -12.60
CA LYS A 380 7.15 -16.10 -13.44
C LYS A 380 7.58 -17.30 -12.59
N PHE A 381 7.96 -17.01 -11.35
CA PHE A 381 8.38 -18.03 -10.38
C PHE A 381 7.18 -18.88 -9.93
N GLY A 382 5.99 -18.26 -9.91
CA GLY A 382 4.77 -18.94 -9.48
C GLY A 382 4.50 -18.75 -7.99
N ALA A 383 5.46 -18.17 -7.28
CA ALA A 383 5.31 -17.91 -5.86
C ALA A 383 4.47 -16.65 -5.60
N THR A 384 3.84 -16.58 -4.43
CA THR A 384 3.02 -15.42 -4.06
C THR A 384 3.81 -14.50 -3.14
N LEU A 385 3.90 -13.23 -3.47
CA LEU A 385 4.70 -12.29 -2.67
C LEU A 385 3.85 -11.54 -1.62
N GLU A 386 4.24 -11.74 -0.37
CA GLU A 386 3.61 -11.11 0.78
C GLU A 386 4.61 -10.25 1.57
N ILE A 387 4.17 -9.10 2.04
CA ILE A 387 5.05 -8.21 2.81
C ILE A 387 4.63 -8.15 4.29
N VAL A 388 5.60 -8.35 5.17
CA VAL A 388 5.39 -8.37 6.62
C VAL A 388 6.36 -7.46 7.38
N THR A 389 5.99 -7.09 8.60
CA THR A 389 6.85 -6.23 9.44
C THR A 389 7.49 -7.02 10.58
N ASP A 390 8.54 -6.46 11.18
CA ASP A 390 9.29 -7.10 12.28
C ASP A 390 8.72 -6.75 13.67
N LYS A 391 7.62 -6.00 13.69
CA LYS A 391 6.97 -5.59 14.94
C LYS A 391 6.53 -6.82 15.78
N SER A 392 6.00 -7.83 15.09
CA SER A 392 5.57 -9.06 15.75
C SER A 392 6.77 -9.87 16.24
N GLN A 393 6.60 -10.63 17.32
CA GLN A 393 7.70 -11.43 17.89
C GLN A 393 8.21 -12.44 16.86
N GLU A 394 7.29 -13.04 16.12
CA GLU A 394 7.65 -13.98 15.07
C GLU A 394 8.50 -13.32 13.97
N GLY A 395 8.14 -12.08 13.63
CA GLY A 395 8.93 -11.34 12.64
C GLY A 395 10.35 -11.17 13.11
N SER A 396 10.47 -10.89 14.41
CA SER A 396 11.77 -10.75 15.07
C SER A 396 12.56 -12.06 14.96
N GLN A 397 11.84 -13.18 15.11
CA GLN A 397 12.45 -14.51 15.02
C GLN A 397 13.08 -14.73 13.65
N PHE A 398 12.41 -14.27 12.60
CA PHE A 398 12.94 -14.35 11.24
C PHE A 398 14.25 -13.57 11.13
N VAL A 399 14.26 -12.40 11.78
CA VAL A 399 15.41 -11.49 11.78
C VAL A 399 16.67 -12.11 12.41
N LYS A 400 16.48 -12.84 13.50
CA LYS A 400 17.60 -13.49 14.20
C LYS A 400 18.35 -14.49 13.31
N GLY A 401 17.62 -15.26 12.51
CA GLY A 401 18.25 -16.26 11.67
C GLY A 401 18.15 -16.03 10.15
N PHE A 402 16.94 -16.19 9.61
CA PHE A 402 16.70 -16.06 8.16
C PHE A 402 17.07 -14.66 7.64
N GLY A 403 16.58 -13.63 8.32
CA GLY A 403 16.82 -12.25 7.90
C GLY A 403 15.59 -11.56 7.30
N GLY A 404 15.84 -10.63 6.38
CA GLY A 404 14.77 -9.82 5.76
C GLY A 404 13.84 -10.56 4.79
N ILE A 405 14.14 -11.80 4.45
CA ILE A 405 13.32 -12.57 3.50
C ILE A 405 12.77 -13.85 4.14
N GLY A 406 11.60 -14.30 3.69
CA GLY A 406 11.01 -15.55 4.17
C GLY A 406 10.44 -16.42 3.03
N GLY A 407 10.38 -17.74 3.21
CA GLY A 407 9.84 -18.60 2.13
C GLY A 407 9.05 -19.83 2.62
N ILE A 408 7.96 -20.12 1.93
CA ILE A 408 7.08 -21.27 2.24
C ILE A 408 6.98 -22.25 1.05
N LEU A 409 7.18 -23.54 1.29
CA LEU A 409 7.12 -24.55 0.20
C LEU A 409 5.81 -25.34 0.12
N ARG A 410 5.34 -25.53 -1.13
CA ARG A 410 4.14 -26.34 -1.41
C ARG A 410 4.36 -27.78 -0.95
N TYR A 411 5.58 -28.25 -1.20
CA TYR A 411 6.03 -29.60 -0.87
C TYR A 411 7.37 -29.51 -0.13
N ARG A 412 7.70 -30.52 0.65
CA ARG A 412 8.96 -30.50 1.41
C ARG A 412 10.20 -30.63 0.49
N VAL A 413 11.06 -29.62 0.52
CA VAL A 413 12.29 -29.60 -0.28
C VAL A 413 13.52 -29.25 0.57
N ASP A 414 14.58 -30.05 0.45
CA ASP A 414 15.84 -29.84 1.20
C ASP A 414 16.52 -28.47 0.88
N PHE A 415 16.50 -28.09 -0.40
CA PHE A 415 17.12 -26.83 -0.89
C PHE A 415 18.64 -26.72 -0.63
N GLN A 416 19.14 -25.47 -0.68
CA GLN A 416 20.57 -25.18 -0.49
C GLN A 416 20.80 -24.02 0.51
N GLY A 417 22.00 -23.98 1.10
CA GLY A 417 22.34 -22.93 2.08
C GLY A 417 23.29 -23.44 3.18
N MET A 418 23.00 -23.04 4.41
CA MET A 418 23.75 -23.50 5.58
C MET A 418 23.22 -24.88 5.93
N GLU A 419 23.93 -25.71 6.68
CA GLU A 419 23.44 -27.08 6.90
C GLU A 419 22.07 -27.11 7.59
N TYR A 420 21.82 -26.25 8.57
CA TYR A 420 20.49 -26.17 9.16
C TYR A 420 19.46 -25.78 8.07
N GLN A 421 19.89 -24.83 7.22
CA GLN A 421 19.08 -24.28 6.10
C GLN A 421 18.81 -25.30 4.97
N GLY A 422 19.82 -26.11 4.63
CA GLY A 422 19.70 -27.08 3.54
C GLY A 422 21.05 -27.57 3.01
N GLY A 423 21.15 -27.73 1.69
CA GLY A 423 22.39 -28.21 1.04
C GLY A 423 23.60 -27.29 1.27
N ASP A 424 24.79 -27.86 1.26
CA ASP A 424 26.03 -27.11 1.54
C ASP A 424 26.47 -26.10 0.47
N ASP A 425 25.99 -26.22 -0.76
CA ASP A 425 26.38 -25.26 -1.80
C ASP A 425 25.58 -23.95 -1.67
N GLU A 426 25.84 -23.27 -0.56
CA GLU A 426 25.21 -22.00 -0.18
C GLU A 426 25.43 -20.83 -1.15
N PHE A 427 26.63 -20.70 -1.69
CA PHE A 427 26.93 -19.54 -2.57
C PHE A 427 27.60 -19.92 -3.89
N PHE A 428 27.33 -19.10 -4.91
CA PHE A 428 27.87 -19.29 -6.26
C PHE A 428 28.15 -17.93 -6.94
N ASP A 429 29.10 -17.93 -7.89
CA ASP A 429 29.48 -16.71 -8.61
C ASP A 429 29.04 -16.71 -10.09
N LEU A 430 28.21 -17.68 -10.44
CA LEU A 430 27.74 -17.87 -11.83
C LEU A 430 26.94 -16.69 -12.44
N ASP A 431 26.08 -16.07 -11.66
CA ASP A 431 25.21 -14.97 -12.15
C ASP A 431 25.95 -13.73 -12.69
N ASP A 432 27.04 -13.33 -12.04
CA ASP A 432 27.81 -12.14 -12.43
C ASP A 432 28.35 -12.28 -13.87
N TYR A 433 28.81 -13.49 -14.21
CA TYR A 433 29.39 -13.75 -15.53
C TYR A 433 28.38 -13.49 -16.66
N LEU A 434 27.13 -13.86 -16.45
CA LEU A 434 26.08 -13.65 -17.46
C LEU A 434 25.91 -12.15 -17.78
N GLU A 435 25.85 -11.32 -16.74
CA GLU A 435 25.71 -9.86 -16.90
C GLU A 435 26.89 -9.23 -17.68
N HIS A 436 28.10 -9.71 -17.40
CA HIS A 436 29.30 -9.18 -18.07
C HIS A 436 29.80 -10.12 -19.18
#